data_4Y1V
#
_entry.id   4Y1V
#
_cell.length_a   43.715
_cell.length_b   58.291
_cell.length_c   111.591
_cell.angle_alpha   90.000
_cell.angle_beta   90.000
_cell.angle_gamma   90.000
#
_symmetry.space_group_name_H-M   'P 21 21 21'
#
loop_
_entity.id
_entity.type
_entity.pdbx_description
1 polymer Galectin-1
2 branched 'beta-D-galactopyranose-(1-3)-methyl 2-acetamido-2-deoxy-beta-D-glucopyranoside'
3 water water
#
_entity_poly.entity_id   1
_entity_poly.type   'polypeptide(L)'
_entity_poly.pdbx_seq_one_letter_code
;MGSSHHHHHHSSGLVPRGSHMCGLVASNLNLKPGE(CSO)LRVRGEVAPDAKSFVLNLGKDSNNL(CSO)LHFNPRFNAH
GDANTIV(CSO)NSKDGGAWGTEQREAVFPFQPGSVAEV(CSO)ITFDQANLTVKLPDGYEFKFPNRLNLEAINYMAADG
DFKIK(CSO)VAFD
;
_entity_poly.pdbx_strand_id   A,B
#
loop_
_chem_comp.id
_chem_comp.type
_chem_comp.name
_chem_comp.formula
GAL D-saccharide, beta linking beta-D-galactopyranose 'C6 H12 O6'
MAG D-saccharide 'methyl 2-acetamido-2-deoxy-beta-D-glucopyranoside' 'C9 H17 N O6'
#
# COMPACT_ATOMS: atom_id res chain seq x y z
N CYS A 22 -9.54 12.41 -0.16
CA CYS A 22 -8.93 11.39 -1.02
C CYS A 22 -8.35 10.25 -0.19
N GLY A 23 -8.43 9.03 -0.70
CA GLY A 23 -8.01 7.86 0.04
C GLY A 23 -6.63 7.35 -0.33
N LEU A 24 -6.35 6.11 0.07
CA LEU A 24 -5.04 5.50 -0.15
C LEU A 24 -4.62 5.43 -1.61
N VAL A 25 -3.36 5.81 -1.87
CA VAL A 25 -2.77 5.67 -3.19
C VAL A 25 -1.47 4.89 -3.10
N ALA A 26 -1.34 3.87 -3.96
CA ALA A 26 -0.15 3.04 -4.02
C ALA A 26 0.38 2.96 -5.44
N SER A 27 1.69 3.18 -5.60
CA SER A 27 2.32 3.07 -6.91
C SER A 27 3.50 2.10 -6.88
N ASN A 28 4.03 1.78 -8.05
CA ASN A 28 5.08 0.78 -8.22
C ASN A 28 4.69 -0.60 -7.72
N LEU A 29 3.42 -0.96 -7.88
CA LEU A 29 2.94 -2.26 -7.43
C LEU A 29 3.59 -3.38 -8.21
N ASN A 30 3.88 -3.10 -9.48
CA ASN A 30 4.44 -4.09 -10.41
C ASN A 30 3.77 -5.44 -10.27
N LEU A 31 2.44 -5.45 -10.45
CA LEU A 31 1.66 -6.68 -10.38
C LEU A 31 1.50 -7.31 -11.76
N LYS A 32 2.13 -8.47 -11.96
CA LYS A 32 2.08 -9.14 -13.26
C LYS A 32 0.87 -10.07 -13.36
N PRO A 33 0.52 -10.47 -14.59
CA PRO A 33 -0.59 -11.42 -14.78
C PRO A 33 -0.48 -12.66 -13.90
N GLY A 34 -1.61 -13.07 -13.32
CA GLY A 34 -1.63 -14.24 -12.45
C GLY A 34 -1.34 -13.93 -11.00
N GLU A 35 -0.72 -12.78 -10.75
CA GLU A 35 -0.46 -12.36 -9.37
C GLU A 35 -1.72 -11.78 -8.76
N CSO A 36 -1.88 -11.95 -7.45
CA CSO A 36 -3.13 -11.56 -6.81
CB CSO A 36 -3.71 -12.73 -6.01
SG CSO A 36 -5.34 -12.26 -5.37
C CSO A 36 -2.99 -10.32 -5.94
O CSO A 36 -2.07 -10.21 -5.13
OD CSO A 36 -6.63 -12.91 -6.41
N LEU A 37 -3.90 -9.37 -6.14
CA LEU A 37 -3.99 -8.19 -5.29
C LEU A 37 -5.18 -8.30 -4.36
N ARG A 38 -4.90 -8.38 -3.06
CA ARG A 38 -5.97 -8.54 -2.08
C ARG A 38 -6.10 -7.29 -1.23
N VAL A 39 -7.30 -6.73 -1.20
CA VAL A 39 -7.56 -5.50 -0.48
C VAL A 39 -8.71 -5.70 0.50
N ARG A 40 -8.46 -5.39 1.77
CA ARG A 40 -9.51 -5.46 2.77
C ARG A 40 -9.78 -4.10 3.38
N GLY A 41 -11.05 -3.72 3.47
CA GLY A 41 -11.39 -2.45 4.07
C GLY A 41 -12.75 -2.48 4.74
N GLU A 42 -13.05 -1.45 5.50
CA GLU A 42 -14.35 -1.35 6.13
C GLU A 42 -15.24 -0.38 5.37
N VAL A 43 -16.43 -0.87 5.03
CA VAL A 43 -17.47 -0.09 4.38
C VAL A 43 -18.27 0.61 5.47
N ALA A 44 -18.24 1.94 5.44
CA ALA A 44 -18.93 2.79 6.39
C ALA A 44 -20.42 2.47 6.46
N PRO A 45 -21.03 2.70 7.64
CA PRO A 45 -22.46 2.42 7.82
C PRO A 45 -23.36 3.27 6.92
N ASP A 46 -22.88 4.46 6.53
CA ASP A 46 -23.68 5.35 5.70
C ASP A 46 -23.09 5.47 4.29
N ALA A 47 -22.36 4.44 3.88
CA ALA A 47 -21.68 4.41 2.58
C ALA A 47 -22.61 4.70 1.41
N LYS A 48 -22.17 5.55 0.49
CA LYS A 48 -22.95 5.84 -0.71
C LYS A 48 -22.29 5.23 -1.94
N SER A 49 -20.96 5.11 -1.89
CA SER A 49 -20.18 4.35 -2.87
C SER A 49 -18.70 4.37 -2.48
N PHE A 50 -17.94 3.43 -3.03
CA PHE A 50 -16.48 3.53 -2.94
C PHE A 50 -15.86 3.07 -4.24
N VAL A 51 -14.56 3.31 -4.39
CA VAL A 51 -13.87 3.12 -5.65
C VAL A 51 -12.50 2.48 -5.48
N LEU A 52 -12.24 1.45 -6.28
CA LEU A 52 -10.90 0.92 -6.45
C LEU A 52 -10.47 1.14 -7.89
N ASN A 53 -9.41 1.93 -8.08
CA ASN A 53 -8.85 2.18 -9.39
C ASN A 53 -7.54 1.44 -9.58
N LEU A 54 -7.44 0.69 -10.67
CA LEU A 54 -6.22 -0.05 -10.97
C LEU A 54 -5.72 0.29 -12.37
N GLY A 55 -4.42 0.50 -12.51
CA GLY A 55 -3.84 0.71 -13.82
C GLY A 55 -2.40 1.16 -13.81
N LYS A 56 -2.08 2.10 -14.70
CA LYS A 56 -0.74 2.66 -14.79
C LYS A 56 -0.67 3.95 -13.98
N ASP A 57 -1.71 4.77 -14.11
CA ASP A 57 -1.83 6.00 -13.34
C ASP A 57 -3.30 6.46 -13.35
N SER A 58 -3.56 7.65 -12.83
CA SER A 58 -4.94 8.13 -12.68
C SER A 58 -5.63 8.39 -14.01
N ASN A 59 -4.85 8.51 -15.08
CA ASN A 59 -5.41 8.74 -16.41
C ASN A 59 -5.51 7.45 -17.22
N ASN A 60 -4.90 6.38 -16.71
CA ASN A 60 -4.87 5.11 -17.42
C ASN A 60 -5.23 3.95 -16.51
N LEU A 61 -6.52 3.62 -16.50
CA LEU A 61 -7.04 2.60 -15.59
C LEU A 61 -7.60 1.42 -16.37
N CSO A 62 -7.05 0.23 -16.12
CA CSO A 62 -7.58 -0.97 -16.76
CB CSO A 62 -6.49 -2.04 -16.93
SG CSO A 62 -5.85 -2.61 -15.35
C CSO A 62 -8.77 -1.51 -15.98
O CSO A 62 -9.52 -2.35 -16.47
OD CSO A 62 -5.50 -4.35 -15.43
N LEU A 63 -8.95 -0.99 -14.76
CA LEU A 63 -10.16 -1.30 -13.99
C LEU A 63 -10.55 -0.16 -13.06
N HIS A 64 -11.74 0.38 -13.30
CA HIS A 64 -12.39 1.31 -12.38
C HIS A 64 -13.50 0.56 -11.65
N PHE A 65 -13.22 0.18 -10.41
CA PHE A 65 -14.18 -0.62 -9.64
C PHE A 65 -14.98 0.21 -8.64
N ASN A 66 -16.27 0.36 -8.94
CA ASN A 66 -17.11 1.31 -8.23
C ASN A 66 -18.46 0.73 -7.77
N PRO A 67 -18.47 0.05 -6.61
CA PRO A 67 -19.72 -0.32 -5.97
C PRO A 67 -20.51 0.91 -5.52
N ARG A 68 -21.74 1.06 -6.03
CA ARG A 68 -22.59 2.18 -5.67
C ARG A 68 -23.79 1.72 -4.85
N PHE A 69 -23.75 2.06 -3.56
CA PHE A 69 -24.85 1.82 -2.65
C PHE A 69 -25.99 2.79 -2.93
N ASN A 70 -25.64 4.07 -2.97
CA ASN A 70 -26.59 5.15 -3.18
C ASN A 70 -25.92 6.35 -3.86
N ALA A 71 -25.49 6.14 -5.10
CA ALA A 71 -24.72 7.16 -5.80
C ALA A 71 -25.13 7.30 -7.26
N HIS A 72 -25.03 8.51 -7.78
CA HIS A 72 -25.37 8.85 -9.16
C HIS A 72 -26.69 8.23 -9.63
N GLY A 73 -27.68 8.21 -8.75
CA GLY A 73 -29.00 7.69 -9.09
C GLY A 73 -29.07 6.17 -9.06
N ASP A 74 -27.93 5.53 -8.84
CA ASP A 74 -27.84 4.08 -8.80
C ASP A 74 -27.88 3.52 -7.38
N ALA A 75 -28.51 2.37 -7.21
CA ALA A 75 -28.60 1.72 -5.91
C ALA A 75 -28.14 0.28 -5.96
N ASN A 76 -27.29 -0.09 -5.00
CA ASN A 76 -26.68 -1.41 -4.90
C ASN A 76 -26.31 -1.98 -6.26
N THR A 77 -25.45 -1.26 -6.97
CA THR A 77 -25.03 -1.68 -8.30
C THR A 77 -23.53 -1.53 -8.42
N ILE A 78 -22.86 -2.55 -8.93
CA ILE A 78 -21.42 -2.45 -9.16
C ILE A 78 -21.16 -1.91 -10.56
N VAL A 79 -20.44 -0.80 -10.61
CA VAL A 79 -20.07 -0.17 -11.87
C VAL A 79 -18.60 -0.37 -12.20
N CSO A 80 -18.33 -0.98 -13.34
CA CSO A 80 -16.96 -1.11 -13.83
CB CSO A 80 -16.55 -2.58 -13.96
SG CSO A 80 -16.86 -3.47 -12.43
C CSO A 80 -16.75 -0.37 -15.14
O CSO A 80 -17.64 -0.29 -15.98
OD CSO A 80 -18.12 -4.71 -12.64
N ASN A 81 -15.56 0.19 -15.28
CA ASN A 81 -15.17 0.87 -16.51
C ASN A 81 -13.66 0.92 -16.64
N SER A 82 -13.18 1.42 -17.77
CA SER A 82 -11.77 1.65 -17.97
C SER A 82 -11.53 3.13 -18.22
N LYS A 83 -10.28 3.55 -18.10
CA LYS A 83 -9.91 4.90 -18.46
C LYS A 83 -8.64 4.84 -19.30
N ASP A 84 -8.72 5.37 -20.51
CA ASP A 84 -7.61 5.27 -21.45
C ASP A 84 -7.23 6.65 -21.96
N GLY A 85 -6.06 7.11 -21.56
CA GLY A 85 -5.60 8.45 -21.92
C GLY A 85 -6.56 9.52 -21.43
N GLY A 86 -7.15 9.31 -20.27
CA GLY A 86 -8.05 10.28 -19.66
C GLY A 86 -9.50 10.08 -20.04
N ALA A 87 -9.76 9.22 -21.01
CA ALA A 87 -11.11 8.99 -21.50
C ALA A 87 -11.73 7.72 -20.93
N TRP A 88 -12.93 7.85 -20.37
CA TRP A 88 -13.70 6.71 -19.91
C TRP A 88 -14.04 5.79 -21.08
N GLY A 89 -14.01 4.48 -20.82
CA GLY A 89 -14.40 3.50 -21.81
C GLY A 89 -15.89 3.24 -21.74
N THR A 90 -16.31 2.08 -22.23
CA THR A 90 -17.73 1.72 -22.15
C THR A 90 -18.00 1.10 -20.80
N GLU A 91 -18.93 1.67 -20.08
CA GLU A 91 -19.30 1.26 -18.75
C GLU A 91 -19.97 -0.10 -18.72
N GLN A 92 -19.67 -0.90 -17.70
CA GLN A 92 -20.35 -2.19 -17.49
C GLN A 92 -20.82 -2.33 -16.05
N ARG A 93 -22.02 -2.87 -15.87
CA ARG A 93 -22.62 -3.04 -14.55
C ARG A 93 -22.95 -4.48 -14.25
N GLU A 94 -22.81 -4.87 -12.99
CA GLU A 94 -23.15 -6.21 -12.57
C GLU A 94 -24.39 -6.16 -11.69
N ALA A 95 -25.28 -7.14 -11.86
CA ALA A 95 -26.54 -7.16 -11.13
C ALA A 95 -26.36 -7.45 -9.65
N VAL A 96 -25.46 -8.40 -9.35
CA VAL A 96 -25.23 -8.81 -7.97
C VAL A 96 -24.45 -7.76 -7.17
N PHE A 97 -24.80 -7.62 -5.90
CA PHE A 97 -24.19 -6.62 -5.04
C PHE A 97 -23.98 -7.14 -3.63
N PRO A 98 -22.87 -7.88 -3.43
CA PRO A 98 -22.58 -8.50 -2.12
C PRO A 98 -21.77 -7.59 -1.21
N PHE A 99 -22.24 -6.36 -1.04
CA PHE A 99 -21.62 -5.42 -0.11
C PHE A 99 -22.69 -4.86 0.81
N GLN A 100 -22.32 -4.66 2.08
CA GLN A 100 -23.25 -4.12 3.06
C GLN A 100 -22.58 -3.02 3.86
N PRO A 101 -23.26 -1.87 3.99
CA PRO A 101 -22.80 -0.74 4.81
C PRO A 101 -22.50 -1.16 6.25
N GLY A 102 -21.43 -0.61 6.82
CA GLY A 102 -21.05 -0.92 8.18
C GLY A 102 -20.45 -2.30 8.33
N SER A 103 -19.69 -2.75 7.33
CA SER A 103 -19.13 -4.10 7.39
C SER A 103 -17.79 -4.23 6.68
N VAL A 104 -17.06 -5.30 6.95
CA VAL A 104 -15.74 -5.51 6.34
C VAL A 104 -15.85 -6.23 4.99
N ALA A 105 -15.17 -5.70 3.99
CA ALA A 105 -15.19 -6.27 2.65
C ALA A 105 -13.78 -6.51 2.10
N GLU A 106 -13.59 -7.69 1.52
CA GLU A 106 -12.33 -8.04 0.88
C GLU A 106 -12.52 -8.29 -0.61
N VAL A 107 -11.67 -7.67 -1.42
CA VAL A 107 -11.67 -7.87 -2.85
C VAL A 107 -10.32 -8.39 -3.34
N CSO A 108 -10.34 -9.51 -4.05
CA CSO A 108 -9.14 -10.05 -4.68
CB CSO A 108 -8.91 -11.52 -4.29
SG CSO A 108 -9.36 -11.77 -2.56
C CSO A 108 -9.17 -9.88 -6.19
O CSO A 108 -10.14 -10.27 -6.86
OD CSO A 108 -10.59 -13.03 -2.37
N ILE A 109 -8.11 -9.28 -6.72
CA ILE A 109 -8.07 -8.92 -8.13
C ILE A 109 -6.82 -9.48 -8.81
N THR A 110 -7.02 -10.06 -9.99
CA THR A 110 -5.92 -10.53 -10.82
C THR A 110 -6.29 -10.27 -12.28
N PHE A 111 -5.35 -10.48 -13.19
CA PHE A 111 -5.64 -10.24 -14.61
C PHE A 111 -4.78 -11.08 -15.55
N ASP A 112 -5.25 -11.19 -16.80
CA ASP A 112 -4.46 -11.74 -17.88
C ASP A 112 -4.62 -10.86 -19.12
N GLN A 113 -4.12 -11.34 -20.26
CA GLN A 113 -4.18 -10.57 -21.50
C GLN A 113 -5.61 -10.22 -21.89
N ALA A 114 -6.54 -11.10 -21.56
CA ALA A 114 -7.94 -10.95 -21.96
C ALA A 114 -8.79 -10.25 -20.91
N ASN A 115 -8.67 -10.68 -19.66
CA ASN A 115 -9.57 -10.20 -18.61
C ASN A 115 -8.89 -9.89 -17.29
N LEU A 116 -9.52 -9.00 -16.53
CA LEU A 116 -9.29 -8.85 -15.11
C LEU A 116 -10.31 -9.71 -14.39
N THR A 117 -9.89 -10.38 -13.33
CA THR A 117 -10.81 -11.19 -12.55
C THR A 117 -10.90 -10.63 -11.14
N VAL A 118 -12.13 -10.37 -10.72
CA VAL A 118 -12.37 -9.86 -9.38
C VAL A 118 -13.21 -10.82 -8.52
N LYS A 119 -12.58 -11.33 -7.45
CA LYS A 119 -13.18 -12.24 -6.45
C LYS A 119 -13.77 -11.46 -5.26
N LEU A 120 -15.05 -11.71 -5.02
CA LEU A 120 -15.83 -11.08 -3.96
C LEU A 120 -15.90 -11.82 -2.61
N PRO A 121 -16.27 -11.10 -1.54
CA PRO A 121 -16.51 -11.73 -0.23
C PRO A 121 -17.42 -12.95 -0.31
N ASP A 122 -18.49 -12.88 -1.10
CA ASP A 122 -19.44 -13.99 -1.17
C ASP A 122 -18.89 -15.17 -1.97
N GLY A 123 -17.77 -14.97 -2.65
CA GLY A 123 -17.19 -16.02 -3.44
C GLY A 123 -17.59 -15.77 -4.87
N TYR A 124 -18.32 -14.67 -5.06
CA TYR A 124 -18.73 -14.27 -6.40
C TYR A 124 -17.52 -13.75 -7.15
N GLU A 125 -17.54 -13.92 -8.47
CA GLU A 125 -16.42 -13.64 -9.33
C GLU A 125 -16.84 -13.00 -10.65
N PHE A 126 -16.39 -11.79 -10.96
CA PHE A 126 -16.70 -11.29 -12.30
C PHE A 126 -15.45 -11.09 -13.12
N LYS A 127 -15.63 -11.12 -14.45
CA LYS A 127 -14.56 -10.89 -15.40
C LYS A 127 -14.84 -9.54 -16.07
N PHE A 128 -13.79 -8.74 -16.25
CA PHE A 128 -13.94 -7.46 -16.92
C PHE A 128 -12.88 -7.35 -17.99
N PRO A 129 -13.27 -7.00 -19.22
CA PRO A 129 -12.34 -7.04 -20.35
C PRO A 129 -11.10 -6.17 -20.15
N ASN A 130 -9.94 -6.75 -20.40
CA ASN A 130 -8.68 -6.01 -20.33
C ASN A 130 -8.51 -5.16 -21.58
N ARG A 131 -8.70 -3.85 -21.41
CA ARG A 131 -8.73 -2.93 -22.55
C ARG A 131 -7.41 -2.20 -22.72
N LEU A 132 -6.64 -2.11 -21.65
CA LEU A 132 -5.41 -1.33 -21.72
C LEU A 132 -4.27 -2.27 -22.06
N ASN A 133 -4.42 -3.54 -21.72
CA ASN A 133 -3.36 -4.51 -21.95
C ASN A 133 -1.94 -4.02 -21.62
N LEU A 134 -1.79 -3.56 -20.39
CA LEU A 134 -0.52 -3.16 -19.77
C LEU A 134 0.31 -4.36 -19.34
N GLU A 135 1.62 -4.19 -19.19
CA GLU A 135 2.47 -5.31 -18.77
C GLU A 135 2.21 -5.69 -17.32
N ALA A 136 1.85 -4.70 -16.52
CA ALA A 136 1.60 -4.90 -15.10
C ALA A 136 0.62 -3.85 -14.56
N ILE A 137 0.07 -4.12 -13.39
CA ILE A 137 -0.69 -3.11 -12.67
C ILE A 137 0.27 -2.44 -11.69
N ASN A 138 0.56 -1.16 -11.94
CA ASN A 138 1.52 -0.43 -11.14
C ASN A 138 0.88 0.59 -10.21
N TYR A 139 -0.43 0.79 -10.38
CA TYR A 139 -1.12 1.87 -9.71
C TYR A 139 -2.46 1.41 -9.13
N MET A 140 -2.68 1.71 -7.86
CA MET A 140 -3.97 1.49 -7.22
C MET A 140 -4.37 2.70 -6.39
N ALA A 141 -5.63 3.12 -6.51
CA ALA A 141 -6.12 4.21 -5.68
C ALA A 141 -7.49 3.86 -5.12
N ALA A 142 -7.66 4.09 -3.82
CA ALA A 142 -8.95 3.89 -3.18
C ALA A 142 -9.62 5.23 -2.92
N ASP A 143 -10.95 5.26 -3.04
CA ASP A 143 -11.69 6.47 -2.75
C ASP A 143 -13.08 6.16 -2.20
N GLY A 144 -13.70 7.16 -1.59
CA GLY A 144 -15.04 7.02 -1.10
C GLY A 144 -15.13 6.37 0.27
N ASP A 145 -16.24 5.68 0.51
CA ASP A 145 -16.59 5.19 1.84
C ASP A 145 -16.02 3.80 2.10
N PHE A 146 -14.69 3.70 2.05
CA PHE A 146 -14.01 2.41 2.18
C PHE A 146 -12.66 2.62 2.88
N LYS A 147 -12.60 2.37 4.18
CA LYS A 147 -11.36 2.52 4.93
C LYS A 147 -10.50 1.26 4.86
N ILE A 148 -9.44 1.32 4.06
CA ILE A 148 -8.59 0.16 3.82
C ILE A 148 -7.81 -0.25 5.05
N LYS A 149 -7.88 -1.53 5.38
CA LYS A 149 -7.23 -2.06 6.57
C LYS A 149 -5.94 -2.80 6.23
N CSO A 150 -5.95 -3.55 5.14
CA CSO A 150 -4.72 -4.18 4.66
CB CSO A 150 -4.41 -5.46 5.44
SG CSO A 150 -5.43 -6.83 4.84
C CSO A 150 -4.72 -4.46 3.16
O CSO A 150 -5.77 -4.70 2.54
OD CSO A 150 -4.45 -7.97 3.88
N VAL A 151 -3.52 -4.43 2.58
CA VAL A 151 -3.30 -4.76 1.18
C VAL A 151 -2.21 -5.84 1.09
N ALA A 152 -2.43 -6.86 0.27
CA ALA A 152 -1.47 -7.94 0.15
C ALA A 152 -1.19 -8.33 -1.30
N PHE A 153 0.03 -8.79 -1.54
CA PHE A 153 0.47 -9.18 -2.88
C PHE A 153 0.92 -10.63 -2.98
N ASP A 154 0.57 -11.27 -4.08
CA ASP A 154 1.02 -12.63 -4.37
C ASP A 154 1.65 -12.71 -5.76
N CYS B 22 13.20 1.02 -7.98
CA CYS B 22 12.46 1.51 -6.82
C CYS B 22 11.25 0.66 -6.53
N GLY B 23 10.93 0.53 -5.25
CA GLY B 23 9.87 -0.34 -4.80
C GLY B 23 8.57 0.37 -4.49
N LEU B 24 7.68 -0.32 -3.78
CA LEU B 24 6.33 0.17 -3.49
C LEU B 24 6.31 1.53 -2.82
N VAL B 25 5.42 2.40 -3.29
CA VAL B 25 5.17 3.69 -2.68
C VAL B 25 3.69 3.85 -2.37
N ALA B 26 3.38 4.25 -1.13
CA ALA B 26 2.02 4.45 -0.69
C ALA B 26 1.87 5.84 -0.08
N SER B 27 0.84 6.57 -0.50
CA SER B 27 0.57 7.89 0.03
C SER B 27 -0.86 8.00 0.56
N ASN B 28 -1.16 9.11 1.23
CA ASN B 28 -2.44 9.34 1.90
C ASN B 28 -2.72 8.28 2.95
N LEU B 29 -1.67 7.84 3.64
CA LEU B 29 -1.78 6.80 4.66
C LEU B 29 -2.60 7.27 5.85
N ASN B 30 -2.48 8.55 6.16
CA ASN B 30 -3.10 9.18 7.32
C ASN B 30 -2.98 8.34 8.59
N LEU B 31 -1.76 7.96 8.94
CA LEU B 31 -1.47 7.20 10.15
C LEU B 31 -1.13 8.17 11.28
N LYS B 32 -2.01 8.27 12.26
CA LYS B 32 -1.85 9.22 13.36
C LYS B 32 -1.11 8.58 14.54
N PRO B 33 -0.62 9.39 15.49
CA PRO B 33 0.09 8.84 16.66
C PRO B 33 -0.66 7.72 17.38
N GLY B 34 0.08 6.69 17.75
CA GLY B 34 -0.47 5.55 18.44
C GLY B 34 -1.01 4.47 17.51
N GLU B 35 -1.29 4.84 16.27
CA GLU B 35 -1.74 3.87 15.29
C GLU B 35 -0.56 3.07 14.77
N CSO B 36 -0.81 1.82 14.39
CA CSO B 36 0.28 0.92 14.04
CB CSO B 36 0.22 -0.35 14.89
SG CSO B 36 1.63 -1.42 14.49
C CSO B 36 0.29 0.58 12.56
O CSO B 36 -0.72 0.16 11.99
OD CSO B 36 2.90 -1.23 15.73
N LEU B 37 1.45 0.76 11.93
CA LEU B 37 1.64 0.45 10.52
C LEU B 37 2.44 -0.84 10.41
N ARG B 38 1.82 -1.88 9.85
CA ARG B 38 2.45 -3.19 9.79
C ARG B 38 2.86 -3.59 8.38
N VAL B 39 4.14 -3.92 8.22
CA VAL B 39 4.70 -4.27 6.92
C VAL B 39 5.41 -5.62 6.93
N ARG B 40 5.02 -6.51 6.02
CA ARG B 40 5.72 -7.78 5.88
C ARG B 40 6.29 -7.86 4.46
N GLY B 41 7.57 -8.24 4.37
CA GLY B 41 8.20 -8.33 3.07
C GLY B 41 9.29 -9.38 2.98
N GLU B 42 9.72 -9.66 1.76
CA GLU B 42 10.79 -10.61 1.54
C GLU B 42 12.13 -9.91 1.26
N VAL B 43 13.12 -10.28 2.05
CA VAL B 43 14.49 -9.81 1.90
C VAL B 43 15.21 -10.72 0.92
N ALA B 44 15.69 -10.14 -0.17
CA ALA B 44 16.39 -10.86 -1.24
C ALA B 44 17.58 -11.68 -0.73
N PRO B 45 17.89 -12.80 -1.41
CA PRO B 45 19.01 -13.66 -1.01
C PRO B 45 20.36 -12.95 -1.11
N ASP B 46 20.44 -11.97 -2.00
CA ASP B 46 21.69 -11.22 -2.19
C ASP B 46 21.54 -9.81 -1.65
N ALA B 47 20.65 -9.64 -0.68
CA ALA B 47 20.38 -8.32 -0.10
C ALA B 47 21.65 -7.67 0.42
N LYS B 48 21.84 -6.42 0.03
CA LYS B 48 23.01 -5.70 0.48
C LYS B 48 22.55 -4.55 1.40
N SER B 49 21.32 -4.12 1.17
CA SER B 49 20.59 -3.22 2.07
C SER B 49 19.17 -3.01 1.55
N PHE B 50 18.27 -2.59 2.43
CA PHE B 50 16.95 -2.14 2.01
C PHE B 50 16.50 -0.94 2.84
N VAL B 51 15.43 -0.30 2.40
CA VAL B 51 15.00 0.97 2.99
C VAL B 51 13.49 1.06 3.16
N LEU B 52 13.07 1.46 4.36
CA LEU B 52 11.70 1.90 4.59
C LEU B 52 11.69 3.38 4.94
N ASN B 53 11.04 4.17 4.10
CA ASN B 53 10.91 5.59 4.33
C ASN B 53 9.50 5.96 4.79
N LEU B 54 9.41 6.68 5.90
CA LEU B 54 8.13 7.12 6.43
C LEU B 54 8.11 8.62 6.64
N GLY B 55 7.01 9.27 6.27
CA GLY B 55 6.87 10.69 6.54
C GLY B 55 5.68 11.35 5.89
N LYS B 56 5.90 12.56 5.37
CA LYS B 56 4.86 13.32 4.69
C LYS B 56 4.98 13.10 3.19
N ASP B 57 6.21 13.13 2.70
CA ASP B 57 6.52 12.85 1.30
C ASP B 57 8.00 12.51 1.17
N SER B 58 8.48 12.38 -0.06
CA SER B 58 9.84 11.92 -0.30
C SER B 58 10.90 12.91 0.19
N ASN B 59 10.50 14.16 0.42
CA ASN B 59 11.43 15.16 0.93
C ASN B 59 11.30 15.39 2.43
N ASN B 60 10.28 14.81 3.04
CA ASN B 60 10.03 15.01 4.46
C ASN B 60 9.77 13.68 5.17
N LEU B 61 10.85 13.10 5.69
CA LEU B 61 10.80 11.78 6.30
C LEU B 61 11.13 11.85 7.78
N CSO B 62 10.22 11.41 8.63
CA CSO B 62 10.48 11.34 10.05
CB CSO B 62 9.19 11.56 10.86
SG CSO B 62 7.87 10.53 10.21
C CSO B 62 11.19 10.04 10.41
O CSO B 62 11.69 9.88 11.52
OD CSO B 62 6.28 11.19 10.66
N LEU B 63 11.22 9.12 9.45
CA LEU B 63 11.99 7.90 9.61
C LEU B 63 12.51 7.35 8.29
N HIS B 64 13.84 7.32 8.18
CA HIS B 64 14.53 6.59 7.12
C HIS B 64 15.16 5.35 7.74
N PHE B 65 14.52 4.19 7.54
CA PHE B 65 14.97 2.97 8.19
C PHE B 65 15.77 2.12 7.20
N ASN B 66 17.08 2.03 7.42
CA ASN B 66 17.97 1.44 6.41
C ASN B 66 18.92 0.38 6.98
N PRO B 67 18.44 -0.86 7.11
CA PRO B 67 19.32 -1.99 7.42
C PRO B 67 20.34 -2.22 6.32
N ARG B 68 21.61 -2.15 6.68
CA ARG B 68 22.70 -2.37 5.73
C ARG B 68 23.42 -3.67 6.06
N PHE B 69 23.26 -4.66 5.20
CA PHE B 69 23.97 -5.92 5.35
C PHE B 69 25.45 -5.71 5.02
N ASN B 70 25.72 -5.08 3.88
CA ASN B 70 27.09 -4.83 3.43
C ASN B 70 27.15 -3.64 2.47
N ALA B 71 26.82 -2.43 2.95
CA ALA B 71 26.70 -1.30 2.05
C ALA B 71 27.31 -0.01 2.60
N HIS B 72 27.83 0.81 1.70
CA HIS B 72 28.52 2.05 2.02
C HIS B 72 29.52 1.90 3.16
N GLY B 73 30.27 0.80 3.14
CA GLY B 73 31.27 0.55 4.17
C GLY B 73 30.72 -0.02 5.45
N ASP B 74 29.39 -0.14 5.54
CA ASP B 74 28.76 -0.68 6.74
C ASP B 74 28.41 -2.16 6.55
N ALA B 75 28.56 -2.92 7.63
CA ALA B 75 28.22 -4.34 7.61
C ALA B 75 27.28 -4.64 8.78
N ASN B 76 26.18 -5.33 8.47
CA ASN B 76 25.14 -5.66 9.44
C ASN B 76 24.88 -4.53 10.44
N THR B 77 24.52 -3.37 9.92
CA THR B 77 24.27 -2.20 10.76
C THR B 77 22.99 -1.50 10.32
N ILE B 78 22.14 -1.14 11.27
CA ILE B 78 20.93 -0.39 10.92
C ILE B 78 21.21 1.10 10.98
N VAL B 79 20.98 1.77 9.85
CA VAL B 79 21.14 3.21 9.78
C VAL B 79 19.78 3.90 9.70
N CSO B 80 19.44 4.65 10.73
CA CSO B 80 18.27 5.52 10.67
CB CSO B 80 17.30 5.29 11.84
SG CSO B 80 17.06 3.52 12.17
C CSO B 80 18.64 6.99 10.54
O CSO B 80 19.69 7.43 11.00
OD CSO B 80 16.62 3.24 13.87
N ASN B 81 17.76 7.75 9.90
CA ASN B 81 17.94 9.18 9.74
C ASN B 81 16.61 9.85 9.45
N SER B 82 16.62 11.17 9.38
CA SER B 82 15.44 11.92 8.99
C SER B 82 15.76 12.73 7.73
N LYS B 83 14.71 13.21 7.08
CA LYS B 83 14.88 14.13 5.96
C LYS B 83 13.88 15.28 6.14
N ASP B 84 14.41 16.50 6.19
CA ASP B 84 13.60 17.67 6.49
C ASP B 84 13.78 18.72 5.40
N GLY B 85 12.72 18.96 4.64
CA GLY B 85 12.77 19.90 3.53
C GLY B 85 13.85 19.53 2.53
N GLY B 86 14.06 18.25 2.33
CA GLY B 86 15.02 17.76 1.36
C GLY B 86 16.41 17.50 1.91
N ALA B 87 16.66 17.94 3.14
CA ALA B 87 17.98 17.79 3.75
C ALA B 87 18.04 16.64 4.76
N TRP B 88 19.01 15.75 4.59
CA TRP B 88 19.25 14.68 5.55
C TRP B 88 19.67 15.22 6.91
N GLY B 89 19.20 14.59 7.97
CA GLY B 89 19.63 14.96 9.31
C GLY B 89 20.87 14.15 9.66
N THR B 90 21.17 14.06 10.96
CA THR B 90 22.30 13.25 11.40
C THR B 90 21.83 11.81 11.62
N GLU B 91 22.54 10.86 11.00
CA GLU B 91 22.14 9.46 11.06
C GLU B 91 22.49 8.81 12.39
N GLN B 92 21.64 7.89 12.82
CA GLN B 92 21.82 7.18 14.08
C GLN B 92 21.96 5.70 13.77
N ARG B 93 22.87 5.02 14.47
CA ARG B 93 23.16 3.63 14.16
C ARG B 93 22.93 2.67 15.33
N GLU B 94 22.44 1.48 15.00
CA GLU B 94 22.16 0.45 15.99
C GLU B 94 23.09 -0.75 15.84
N ALA B 95 23.52 -1.29 16.97
CA ALA B 95 24.42 -2.44 16.98
C ALA B 95 23.72 -3.73 16.60
N VAL B 96 22.53 -3.94 17.14
CA VAL B 96 21.79 -5.19 16.90
C VAL B 96 21.25 -5.20 15.47
N PHE B 97 21.32 -6.36 14.83
CA PHE B 97 20.92 -6.48 13.43
C PHE B 97 20.18 -7.79 13.19
N PRO B 98 18.88 -7.82 13.51
CA PRO B 98 18.06 -9.03 13.39
C PRO B 98 17.43 -9.15 12.01
N PHE B 99 18.26 -9.04 10.98
CA PHE B 99 17.80 -9.22 9.61
C PHE B 99 18.69 -10.22 8.89
N GLN B 100 18.07 -11.02 8.04
CA GLN B 100 18.77 -12.09 7.35
C GLN B 100 18.45 -12.09 5.86
N PRO B 101 19.48 -12.11 5.01
CA PRO B 101 19.28 -12.22 3.56
C PRO B 101 18.47 -13.44 3.18
N GLY B 102 17.57 -13.29 2.21
CA GLY B 102 16.77 -14.41 1.75
C GLY B 102 15.71 -14.82 2.75
N SER B 103 15.10 -13.86 3.43
CA SER B 103 14.14 -14.21 4.48
C SER B 103 13.00 -13.21 4.65
N VAL B 104 11.94 -13.62 5.33
CA VAL B 104 10.79 -12.75 5.52
C VAL B 104 10.96 -11.90 6.77
N ALA B 105 10.69 -10.60 6.63
CA ALA B 105 10.82 -9.67 7.73
C ALA B 105 9.51 -8.89 7.92
N GLU B 106 9.05 -8.83 9.16
CA GLU B 106 7.86 -8.07 9.51
C GLU B 106 8.22 -6.97 10.49
N VAL B 107 7.81 -5.74 10.20
CA VAL B 107 8.00 -4.64 11.14
C VAL B 107 6.65 -3.98 11.46
N CSO B 108 6.49 -3.62 12.72
CA CSO B 108 5.36 -2.80 13.13
CB CSO B 108 4.55 -3.49 14.24
SG CSO B 108 4.56 -5.28 14.00
C CSO B 108 5.88 -1.44 13.58
O CSO B 108 6.75 -1.34 14.43
OD CSO B 108 5.45 -6.10 15.29
N ILE B 109 5.35 -0.39 12.95
CA ILE B 109 5.86 0.95 13.20
C ILE B 109 4.77 1.89 13.71
N THR B 110 5.11 2.65 14.75
CA THR B 110 4.24 3.69 15.27
C THR B 110 5.07 4.86 15.77
N PHE B 111 4.42 5.94 16.16
CA PHE B 111 5.14 7.10 16.65
C PHE B 111 4.30 7.90 17.65
N ASP B 112 4.98 8.70 18.46
CA ASP B 112 4.34 9.69 19.31
C ASP B 112 5.13 10.98 19.24
N GLN B 113 4.81 11.94 20.10
CA GLN B 113 5.49 13.23 20.10
C GLN B 113 7.01 13.12 20.26
N ALA B 114 7.46 12.09 20.98
CA ALA B 114 8.89 11.95 21.26
C ALA B 114 9.62 11.04 20.26
N ASN B 115 9.07 9.88 19.97
CA ASN B 115 9.80 8.88 19.18
C ASN B 115 8.97 8.15 18.12
N LEU B 116 9.68 7.67 17.10
CA LEU B 116 9.16 6.62 16.24
C LEU B 116 9.69 5.29 16.77
N THR B 117 8.82 4.29 16.78
CA THR B 117 9.18 2.96 17.24
C THR B 117 9.01 1.90 16.16
N VAL B 118 10.05 1.10 15.94
CA VAL B 118 10.00 0.00 14.99
C VAL B 118 10.12 -1.32 15.76
N LYS B 119 9.00 -2.02 15.89
CA LYS B 119 8.96 -3.29 16.61
C LYS B 119 9.02 -4.52 15.71
N LEU B 120 9.95 -5.43 15.99
CA LEU B 120 9.92 -6.72 15.31
C LEU B 120 9.10 -7.68 16.19
N PRO B 121 8.48 -8.70 15.58
CA PRO B 121 7.76 -9.76 16.27
C PRO B 121 8.50 -10.42 17.42
N ASP B 122 9.79 -10.70 17.22
CA ASP B 122 10.58 -11.46 18.21
C ASP B 122 10.88 -10.65 19.47
N GLY B 123 10.48 -9.40 19.48
CA GLY B 123 10.70 -8.53 20.62
C GLY B 123 11.75 -7.44 20.46
N TYR B 124 12.36 -7.36 19.28
CA TYR B 124 13.30 -6.27 19.06
C TYR B 124 12.52 -4.98 18.86
N GLU B 125 13.07 -3.89 19.37
CA GLU B 125 12.39 -2.61 19.33
C GLU B 125 13.43 -1.53 19.14
N PHE B 126 13.33 -0.77 18.03
CA PHE B 126 14.24 0.34 17.86
C PHE B 126 13.47 1.64 17.99
N LYS B 127 14.11 2.64 18.58
CA LYS B 127 13.51 3.96 18.66
C LYS B 127 14.36 5.01 17.98
N PHE B 128 13.70 5.91 17.25
CA PHE B 128 14.40 7.00 16.59
C PHE B 128 13.65 8.29 16.91
N PRO B 129 14.37 9.32 17.37
CA PRO B 129 13.72 10.55 17.84
C PRO B 129 12.88 11.22 16.76
N ASN B 130 11.67 11.63 17.12
CA ASN B 130 10.78 12.34 16.22
C ASN B 130 11.26 13.77 16.02
N ARG B 131 11.84 14.04 14.84
CA ARG B 131 12.48 15.33 14.57
C ARG B 131 11.60 16.30 13.78
N LEU B 132 10.61 15.76 13.07
CA LEU B 132 9.77 16.57 12.18
C LEU B 132 8.49 16.98 12.88
N ASN B 133 8.13 16.22 13.91
CA ASN B 133 6.87 16.38 14.62
C ASN B 133 5.67 16.63 13.71
N LEU B 134 5.48 15.73 12.74
CA LEU B 134 4.30 15.80 11.89
C LEU B 134 3.07 15.26 12.59
N GLU B 135 1.89 15.69 12.14
CA GLU B 135 0.64 15.26 12.72
C GLU B 135 0.35 13.79 12.38
N ALA B 136 0.80 13.36 11.22
CA ALA B 136 0.55 12.00 10.77
C ALA B 136 1.64 11.50 9.81
N ILE B 137 1.70 10.20 9.62
CA ILE B 137 2.50 9.60 8.57
C ILE B 137 1.64 9.37 7.35
N ASN B 138 1.91 10.10 6.27
CA ASN B 138 1.10 10.00 5.06
C ASN B 138 1.82 9.29 3.93
N TYR B 139 3.10 9.01 4.14
CA TYR B 139 3.96 8.52 3.07
C TYR B 139 4.82 7.34 3.53
N MET B 140 4.80 6.27 2.75
CA MET B 140 5.70 5.13 2.97
C MET B 140 6.29 4.69 1.65
N ALA B 141 7.60 4.48 1.63
CA ALA B 141 8.26 3.98 0.42
C ALA B 141 9.25 2.88 0.74
N ALA B 142 9.22 1.81 -0.05
CA ALA B 142 10.20 0.75 0.11
C ALA B 142 11.23 0.89 -0.99
N ASP B 143 12.48 0.57 -0.67
CA ASP B 143 13.55 0.65 -1.65
C ASP B 143 14.57 -0.44 -1.39
N GLY B 144 15.37 -0.77 -2.40
CA GLY B 144 16.41 -1.76 -2.21
C GLY B 144 15.90 -3.17 -2.30
N ASP B 145 16.56 -4.07 -1.58
CA ASP B 145 16.31 -5.50 -1.70
C ASP B 145 15.22 -5.99 -0.75
N PHE B 146 14.03 -5.42 -0.88
CA PHE B 146 12.93 -5.73 0.03
C PHE B 146 11.58 -5.67 -0.69
N LYS B 147 11.07 -6.85 -1.04
CA LYS B 147 9.80 -7.00 -1.75
C LYS B 147 8.59 -7.04 -0.80
N ILE B 148 7.84 -5.95 -0.71
CA ILE B 148 6.74 -5.88 0.25
C ILE B 148 5.58 -6.79 -0.17
N LYS B 149 5.16 -7.63 0.76
CA LYS B 149 4.08 -8.58 0.49
C LYS B 149 2.76 -8.19 1.16
N CSO B 150 2.85 -7.45 2.26
CA CSO B 150 1.64 -7.12 3.03
CB CSO B 150 1.31 -8.24 4.01
SG CSO B 150 -0.30 -7.93 4.78
C CSO B 150 1.80 -5.81 3.80
O CSO B 150 2.80 -5.59 4.48
OD CSO B 150 -0.14 -7.42 6.48
N VAL B 151 0.79 -4.94 3.70
CA VAL B 151 0.74 -3.73 4.50
C VAL B 151 -0.61 -3.64 5.21
N ALA B 152 -0.57 -3.34 6.50
CA ALA B 152 -1.81 -3.27 7.28
C ALA B 152 -1.82 -2.05 8.20
N PHE B 153 -3.02 -1.51 8.45
CA PHE B 153 -3.15 -0.34 9.31
C PHE B 153 -4.02 -0.69 10.51
N ASP B 154 -3.61 -0.24 11.70
CA ASP B 154 -4.40 -0.44 12.90
C ASP B 154 -4.62 0.87 13.65
C1 MAG C . -22.66 9.14 -17.00
C2 MAG C . -21.83 9.34 -15.77
C3 MAG C . -21.38 8.12 -15.12
C4 MAG C . -22.47 7.23 -14.83
C5 MAG C . -23.41 6.99 -16.00
C6 MAG C . -24.73 6.85 -15.47
C7 MAG C . -20.21 11.18 -15.90
C8 MAG C . -20.79 11.82 -14.65
N2 MAG C . -20.72 9.99 -16.40
O1 MAG C . -23.28 10.32 -17.16
O3 MAG C . -20.76 8.56 -13.88
O4 MAG C . -21.93 5.96 -14.53
O5 MAG C . -23.58 8.05 -17.00
O6 MAG C . -25.55 6.95 -16.58
O7 MAG C . -19.31 11.68 -16.49
CM MAG C . -23.17 10.79 -18.49
C1 GAL C . -19.38 8.41 -13.99
C2 GAL C . -18.78 8.74 -12.68
C3 GAL C . -17.35 8.45 -12.64
C4 GAL C . -17.06 7.09 -13.05
C5 GAL C . -17.70 6.74 -14.35
C6 GAL C . -17.42 5.32 -14.68
O2 GAL C . -19.06 10.11 -12.37
O3 GAL C . -16.94 8.47 -11.29
O4 GAL C . -17.55 6.24 -12.01
O5 GAL C . -19.13 7.03 -14.34
O6 GAL C . -18.19 4.91 -15.75
C1 MAG D . 27.37 10.35 4.00
C2 MAG D . 26.59 9.46 3.02
C3 MAG D . 25.71 8.54 3.76
C4 MAG D . 26.48 7.75 4.71
C5 MAG D . 27.30 8.62 5.67
C6 MAG D . 28.12 7.74 6.51
C7 MAG D . 25.69 10.01 0.76
C8 MAG D . 26.44 8.80 0.18
N2 MAG D . 25.78 10.31 2.15
O1 MAG D . 28.21 11.20 3.28
O3 MAG D . 25.04 7.64 2.80
O4 MAG D . 25.65 6.81 5.42
O5 MAG D . 28.14 9.56 4.94
O6 MAG D . 28.61 6.69 5.72
O7 MAG D . 25.01 10.70 0.03
CM MAG D . 28.62 12.35 4.00
C1 GAL D . 23.69 8.03 2.63
C2 GAL D . 23.00 7.06 1.68
C3 GAL D . 21.54 7.27 1.60
C4 GAL D . 20.91 7.40 2.93
C5 GAL D . 21.62 8.34 3.89
C6 GAL D . 21.03 8.21 5.27
O2 GAL D . 23.56 7.23 0.35
O3 GAL D . 20.96 6.14 0.92
O4 GAL D . 20.69 6.11 3.53
O5 GAL D . 23.06 8.08 3.96
O6 GAL D . 21.66 9.18 6.09
#